data_2XW7
#
_entry.id   2XW7
#
_cell.length_a   69.280
_cell.length_b   69.280
_cell.length_c   262.712
_cell.angle_alpha   90.00
_cell.angle_beta   90.00
_cell.angle_gamma   120.00
#
_symmetry.space_group_name_H-M   'P 63 2 2'
#
loop_
_entity.id
_entity.type
_entity.pdbx_description
1 polymer 'DIHYDROFOLATE REDUCTASE'
2 non-polymer 'TETRAETHYLENE GLYCOL'
3 non-polymer 'NADPH DIHYDRO-NICOTINAMIDE-ADENINE-DINUCLEOTIDE PHOSPHATE'
4 non-polymer 'SODIUM ION'
5 water water
#
_entity_poly.entity_id   1
_entity_poly.type   'polypeptide(L)'
_entity_poly.pdbx_seq_one_letter_code
;SHMVKTVYYTASSLDGYIVDENQSLDWLTSRDITPDGPFGYEQFIETIGVLVMGASTYEWVVEHGDWSYDQPAWVLTHRP
EIAAESHPMQVFSGDVAELHPELVAAAGGKDVWVVGGGDVAAQFVAADLIDEIIVSYAPCTLGVGSRVLPMRSEWVLDDC
ARNGDFVCARWKRPVLHT
;
_entity_poly.pdbx_strand_id   A,B
#
# COMPACT_ATOMS: atom_id res chain seq x y z
N SER A 1 6.93 28.02 -7.18
CA SER A 1 6.02 28.79 -8.10
C SER A 1 5.36 27.93 -9.19
N HIS A 2 4.09 27.57 -8.96
CA HIS A 2 3.30 26.81 -9.95
C HIS A 2 1.87 27.35 -9.92
N MET A 3 1.05 26.88 -10.86
CA MET A 3 -0.41 27.03 -10.71
C MET A 3 -0.80 26.34 -9.38
N VAL A 4 -1.90 26.71 -8.72
CA VAL A 4 -2.21 25.98 -7.52
C VAL A 4 -2.49 24.48 -7.82
N LYS A 5 -1.88 23.59 -7.04
CA LYS A 5 -2.06 22.13 -7.14
C LYS A 5 -2.93 21.72 -5.95
N THR A 6 -3.71 20.65 -6.17
CA THR A 6 -4.50 20.00 -5.13
C THR A 6 -3.84 18.64 -4.90
N VAL A 7 -3.47 18.38 -3.64
CA VAL A 7 -2.65 17.20 -3.26
C VAL A 7 -3.34 16.45 -2.11
N TYR A 8 -3.42 15.16 -2.23
CA TYR A 8 -3.91 14.30 -1.20
C TYR A 8 -2.66 13.71 -0.54
N TYR A 9 -2.42 14.09 0.71
CA TYR A 9 -1.20 13.67 1.39
C TYR A 9 -1.73 13.01 2.68
N THR A 10 -1.39 11.74 2.89
CA THR A 10 -1.93 10.96 4.04
C THR A 10 -0.92 9.84 4.43
N ALA A 11 -0.99 9.34 5.64
CA ALA A 11 -0.30 8.12 6.07
C ALA A 11 -1.25 6.96 5.82
N SER A 12 -0.72 5.76 5.72
CA SER A 12 -1.53 4.55 5.45
C SER A 12 -0.75 3.37 6.03
N SER A 13 -1.43 2.30 6.40
CA SER A 13 -0.76 0.99 6.56
C SER A 13 -0.17 0.55 5.20
N LEU A 14 0.87 -0.32 5.20
CA LEU A 14 1.47 -0.78 3.91
C LEU A 14 0.45 -1.53 2.99
N ASP A 15 -0.67 -2.01 3.59
CA ASP A 15 -1.71 -2.71 2.85
C ASP A 15 -2.96 -1.80 2.58
N GLY A 16 -2.88 -0.47 2.81
CA GLY A 16 -3.83 0.44 2.19
C GLY A 16 -4.99 0.91 3.08
N TYR A 17 -4.84 0.91 4.42
CA TYR A 17 -5.89 1.39 5.37
C TYR A 17 -5.36 2.56 6.17
N ILE A 18 -6.18 3.54 6.43
N ILE A 18 -6.23 3.56 6.33
CA ILE A 18 -5.65 4.64 7.24
CA ILE A 18 -5.83 4.87 6.91
C ILE A 18 -6.06 4.29 8.64
C ILE A 18 -6.32 5.09 8.35
N VAL A 19 -7.32 4.31 8.84
CA VAL A 19 -7.84 4.32 10.21
C VAL A 19 -8.12 2.85 10.43
N ASP A 20 -7.80 2.28 11.60
CA ASP A 20 -8.12 0.84 11.81
C ASP A 20 -9.61 0.65 12.18
N GLU A 21 -10.04 -0.61 12.30
CA GLU A 21 -11.45 -0.90 12.63
C GLU A 21 -11.91 -0.30 13.98
N ASN A 22 -11.00 -0.19 14.96
CA ASN A 22 -11.33 0.36 16.30
C ASN A 22 -11.33 1.88 16.30
N GLN A 23 -11.34 2.46 15.09
CA GLN A 23 -11.39 3.91 14.81
C GLN A 23 -10.15 4.69 15.26
N SER A 24 -9.04 3.99 15.49
CA SER A 24 -7.84 4.68 15.97
C SER A 24 -6.62 4.63 15.04
N LEU A 25 -5.66 5.48 15.45
CA LEU A 25 -4.34 5.67 14.81
C LEU A 25 -3.12 5.26 15.65
N ASP A 26 -3.35 4.40 16.64
CA ASP A 26 -2.27 3.96 17.51
C ASP A 26 -1.15 3.27 16.74
N TRP A 27 -1.52 2.58 15.65
CA TRP A 27 -0.52 1.91 14.83
C TRP A 27 0.42 2.95 14.13
N LEU A 28 -0.01 4.22 14.13
CA LEU A 28 0.73 5.31 13.47
C LEU A 28 1.57 6.18 14.46
N THR A 29 1.16 6.32 15.71
CA THR A 29 1.64 7.50 16.48
C THR A 29 3.05 7.44 17.11
N SER A 30 3.57 6.26 17.47
CA SER A 30 4.96 6.17 18.02
C SER A 30 6.05 5.72 17.01
N ARG A 31 5.86 6.00 15.73
CA ARG A 31 6.85 5.59 14.70
C ARG A 31 7.94 6.69 14.51
N ASP A 32 9.15 6.29 14.12
CA ASP A 32 10.19 7.26 13.79
C ASP A 32 9.82 8.00 12.48
N ILE A 33 9.90 9.31 12.48
CA ILE A 33 9.66 10.10 11.26
C ILE A 33 10.61 11.30 11.36
N THR A 34 11.02 11.82 10.22
CA THR A 34 11.98 12.98 10.17
C THR A 34 11.28 14.10 9.38
N PRO A 35 10.60 15.04 10.11
CA PRO A 35 9.69 16.01 9.50
C PRO A 35 10.42 16.94 8.52
N ASP A 36 11.70 17.18 8.71
CA ASP A 36 12.49 17.89 7.67
C ASP A 36 13.16 17.06 6.52
N GLY A 37 12.91 15.75 6.43
CA GLY A 37 13.48 14.95 5.35
C GLY A 37 12.54 14.87 4.14
N PRO A 38 12.80 13.95 3.20
CA PRO A 38 12.05 13.57 2.00
C PRO A 38 10.59 13.43 2.29
N PHE A 39 9.77 14.18 1.56
CA PHE A 39 8.33 14.13 1.72
C PHE A 39 7.92 14.43 3.19
N GLY A 40 8.83 15.03 3.95
CA GLY A 40 8.51 15.30 5.36
C GLY A 40 7.50 16.45 5.52
N TYR A 41 6.80 16.41 6.61
CA TYR A 41 5.70 17.36 6.85
C TYR A 41 6.18 18.82 6.79
N GLU A 42 7.37 19.12 7.32
CA GLU A 42 7.86 20.50 7.34
C GLU A 42 8.01 21.13 5.96
N GLN A 43 8.60 20.43 5.00
CA GLN A 43 8.67 20.99 3.65
CA GLN A 43 8.66 21.02 3.66
C GLN A 43 7.28 21.00 3.00
N PHE A 44 6.49 19.99 3.25
CA PHE A 44 5.13 19.89 2.62
C PHE A 44 4.22 21.05 3.08
N ILE A 45 4.15 21.28 4.38
CA ILE A 45 3.15 22.23 4.90
C ILE A 45 3.45 23.67 4.41
N GLU A 46 4.73 23.98 4.17
CA GLU A 46 5.11 25.31 3.70
C GLU A 46 4.53 25.57 2.30
N THR A 47 4.17 24.51 1.59
CA THR A 47 3.67 24.70 0.21
C THR A 47 2.15 24.92 0.22
N ILE A 48 1.51 24.72 1.38
CA ILE A 48 0.04 24.58 1.44
C ILE A 48 -0.65 25.89 1.89
N GLY A 49 -1.78 26.27 1.27
CA GLY A 49 -2.48 27.53 1.63
C GLY A 49 -3.86 27.26 2.24
N VAL A 50 -4.39 26.04 2.11
CA VAL A 50 -5.74 25.80 2.63
C VAL A 50 -5.88 24.27 2.86
N LEU A 51 -6.69 23.85 3.84
CA LEU A 51 -6.95 22.45 4.12
C LEU A 51 -8.39 22.16 3.81
N VAL A 52 -8.64 20.93 3.37
CA VAL A 52 -10.05 20.47 3.21
C VAL A 52 -10.07 18.99 3.73
N MET A 53 -11.09 18.62 4.48
CA MET A 53 -11.14 17.28 5.09
C MET A 53 -12.59 16.92 5.30
N GLY A 54 -12.82 15.61 5.45
CA GLY A 54 -14.16 15.19 5.85
C GLY A 54 -14.47 15.34 7.32
N ALA A 55 -15.69 15.02 7.65
CA ALA A 55 -16.20 15.22 9.04
C ALA A 55 -15.47 14.32 10.06
N SER A 56 -15.20 13.05 9.73
CA SER A 56 -14.51 12.17 10.70
C SER A 56 -13.03 12.61 10.98
N THR A 57 -12.36 13.04 9.91
CA THR A 57 -10.98 13.54 9.97
C THR A 57 -10.99 14.77 10.86
N TYR A 58 -11.95 15.68 10.66
CA TYR A 58 -12.05 16.86 11.51
C TYR A 58 -12.29 16.50 13.01
N GLU A 59 -13.23 15.61 13.26
CA GLU A 59 -13.49 15.14 14.63
C GLU A 59 -12.24 14.51 15.25
N TRP A 60 -11.49 13.70 14.47
CA TRP A 60 -10.24 13.14 14.98
C TRP A 60 -9.26 14.26 15.41
N VAL A 61 -9.06 15.26 14.54
CA VAL A 61 -8.25 16.41 14.87
C VAL A 61 -8.66 17.15 16.16
N VAL A 62 -9.94 17.38 16.36
CA VAL A 62 -10.35 18.15 17.53
C VAL A 62 -10.38 17.31 18.84
N GLU A 63 -10.26 16.00 18.71
CA GLU A 63 -10.34 15.07 19.86
C GLU A 63 -9.01 14.47 20.30
N HIS A 64 -7.90 14.78 19.62
CA HIS A 64 -6.58 14.20 19.95
C HIS A 64 -5.53 15.28 19.93
N GLY A 65 -4.80 15.51 21.03
CA GLY A 65 -3.76 16.58 21.13
C GLY A 65 -4.27 17.96 20.68
N ASP A 66 -3.42 18.74 20.03
CA ASP A 66 -3.78 20.09 19.57
C ASP A 66 -2.87 20.52 18.39
N TRP A 67 -3.07 19.80 17.28
CA TRP A 67 -2.33 20.04 16.08
C TRP A 67 -2.68 21.46 15.63
N SER A 68 -1.69 22.30 15.56
CA SER A 68 -1.98 23.68 15.20
C SER A 68 -1.48 23.95 13.76
N TYR A 69 -2.37 24.43 12.91
CA TYR A 69 -1.97 24.80 11.55
C TYR A 69 -2.43 26.25 11.35
N ASP A 70 -1.72 26.98 10.48
CA ASP A 70 -1.98 28.40 10.19
C ASP A 70 -3.05 28.69 9.08
N GLN A 71 -3.33 27.69 8.26
CA GLN A 71 -4.16 27.83 7.06
C GLN A 71 -5.65 27.73 7.40
N PRO A 72 -6.49 28.34 6.58
CA PRO A 72 -7.92 28.14 6.74
C PRO A 72 -8.26 26.70 6.36
N ALA A 73 -9.31 26.23 7.01
CA ALA A 73 -9.78 24.87 6.82
C ALA A 73 -11.24 24.84 6.41
N TRP A 74 -11.53 23.92 5.49
CA TRP A 74 -12.91 23.59 5.11
C TRP A 74 -13.20 22.16 5.54
N VAL A 75 -14.40 21.94 6.04
CA VAL A 75 -14.84 20.57 6.40
C VAL A 75 -16.11 20.17 5.63
N LEU A 76 -16.06 19.01 4.97
CA LEU A 76 -17.19 18.48 4.27
C LEU A 76 -18.08 17.72 5.30
N THR A 77 -19.23 18.33 5.70
CA THR A 77 -20.06 17.68 6.70
C THR A 77 -21.50 18.15 6.55
N HIS A 78 -22.42 17.30 6.98
CA HIS A 78 -23.86 17.71 7.12
C HIS A 78 -24.13 18.17 8.50
N ARG A 79 -23.09 18.18 9.36
CA ARG A 79 -23.21 18.51 10.83
C ARG A 79 -22.40 19.73 11.35
N PRO A 80 -22.92 20.95 11.12
CA PRO A 80 -22.19 22.15 11.51
C PRO A 80 -21.81 22.15 12.98
N GLU A 81 -22.59 21.47 13.78
CA GLU A 81 -22.35 21.46 15.21
C GLU A 81 -21.02 20.91 15.63
N ILE A 82 -20.38 20.13 14.75
CA ILE A 82 -19.03 19.59 15.07
C ILE A 82 -17.99 20.65 15.35
N ALA A 83 -18.23 21.90 14.89
CA ALA A 83 -17.20 22.92 14.96
C ALA A 83 -16.71 23.07 16.40
N ALA A 84 -15.39 23.05 16.59
CA ALA A 84 -14.81 23.27 17.91
C ALA A 84 -14.13 24.62 17.91
N GLU A 85 -14.15 25.26 19.05
CA GLU A 85 -13.58 26.60 19.14
C GLU A 85 -12.07 26.55 18.93
N SER A 86 -11.44 25.45 19.30
CA SER A 86 -9.99 25.28 19.12
C SER A 86 -9.65 25.21 17.62
N HIS A 87 -10.61 24.80 16.77
CA HIS A 87 -10.32 24.64 15.32
C HIS A 87 -11.43 25.26 14.43
N PRO A 88 -11.51 26.60 14.41
CA PRO A 88 -12.58 27.16 13.60
C PRO A 88 -12.46 26.72 12.14
N MET A 89 -13.58 26.56 11.46
CA MET A 89 -13.52 26.04 10.06
C MET A 89 -14.82 26.43 9.33
N GLN A 90 -14.82 26.25 8.04
CA GLN A 90 -15.98 26.54 7.20
C GLN A 90 -16.60 25.22 6.69
N VAL A 91 -17.87 25.02 6.99
CA VAL A 91 -18.60 23.84 6.55
C VAL A 91 -18.98 23.98 5.05
N PHE A 92 -18.96 22.87 4.33
CA PHE A 92 -19.47 22.84 2.97
C PHE A 92 -20.14 21.46 2.90
N SER A 93 -21.24 21.37 2.16
CA SER A 93 -21.95 20.10 1.97
C SER A 93 -22.25 19.98 0.46
N GLY A 94 -22.02 18.84 -0.14
CA GLY A 94 -22.42 18.61 -1.52
C GLY A 94 -21.25 18.31 -2.45
N ASP A 95 -21.35 18.77 -3.70
CA ASP A 95 -20.41 18.39 -4.75
C ASP A 95 -19.05 19.15 -4.56
N VAL A 96 -17.94 18.41 -4.34
CA VAL A 96 -16.63 19.11 -4.16
C VAL A 96 -16.21 19.93 -5.33
N ALA A 97 -16.70 19.59 -6.53
CA ALA A 97 -16.36 20.42 -7.73
C ALA A 97 -16.89 21.87 -7.59
N GLU A 98 -17.91 22.08 -6.80
CA GLU A 98 -18.45 23.44 -6.60
CA GLU A 98 -18.42 23.44 -6.62
C GLU A 98 -17.61 24.16 -5.57
N LEU A 99 -17.03 23.40 -4.63
CA LEU A 99 -16.21 23.98 -3.55
C LEU A 99 -14.79 24.35 -4.09
N HIS A 100 -14.32 23.58 -5.06
CA HIS A 100 -12.92 23.66 -5.48
C HIS A 100 -12.41 25.05 -5.89
N PRO A 101 -13.22 25.83 -6.71
CA PRO A 101 -12.68 27.18 -7.01
C PRO A 101 -12.54 28.10 -5.77
N GLU A 102 -13.39 27.93 -4.75
CA GLU A 102 -13.19 28.68 -3.52
C GLU A 102 -11.91 28.28 -2.73
N LEU A 103 -11.63 26.94 -2.66
CA LEU A 103 -10.36 26.50 -2.09
C LEU A 103 -9.16 27.14 -2.83
N VAL A 104 -9.13 27.08 -4.15
CA VAL A 104 -8.06 27.68 -4.90
C VAL A 104 -7.94 29.20 -4.61
N ALA A 105 -9.06 29.92 -4.62
CA ALA A 105 -9.05 31.34 -4.25
C ALA A 105 -8.61 31.60 -2.81
N ALA A 106 -8.92 30.69 -1.87
CA ALA A 106 -8.59 30.89 -0.46
C ALA A 106 -7.13 30.54 -0.14
N ALA A 107 -6.45 29.79 -1.03
CA ALA A 107 -5.08 29.29 -0.86
C ALA A 107 -3.94 30.33 -1.12
N GLY A 108 -4.28 31.53 -1.60
CA GLY A 108 -3.31 32.65 -1.72
C GLY A 108 -2.15 32.32 -2.65
N GLY A 109 -2.47 31.72 -3.80
CA GLY A 109 -1.44 31.18 -4.64
C GLY A 109 -0.68 29.94 -4.17
N LYS A 110 -0.94 29.40 -2.96
CA LYS A 110 -0.24 28.20 -2.54
C LYS A 110 -1.19 27.01 -2.82
N ASP A 111 -0.87 25.82 -2.34
CA ASP A 111 -1.62 24.60 -2.76
C ASP A 111 -2.77 24.19 -1.82
N VAL A 112 -3.68 23.37 -2.35
CA VAL A 112 -4.78 22.87 -1.55
C VAL A 112 -4.39 21.47 -1.04
N TRP A 113 -4.48 21.26 0.26
CA TRP A 113 -4.25 19.91 0.83
C TRP A 113 -5.55 19.24 1.20
N VAL A 114 -5.81 18.11 0.56
CA VAL A 114 -6.91 17.18 0.94
C VAL A 114 -6.37 16.30 2.06
N VAL A 115 -6.83 16.54 3.31
CA VAL A 115 -6.29 15.84 4.45
C VAL A 115 -6.80 14.38 4.52
N GLY A 116 -8.03 14.13 4.07
CA GLY A 116 -8.67 12.84 4.23
C GLY A 116 -10.16 13.05 4.43
N GLY A 117 -10.95 11.95 4.55
CA GLY A 117 -10.41 10.53 4.53
C GLY A 117 -10.34 10.09 3.06
N GLY A 118 -10.32 8.76 2.84
CA GLY A 118 -10.24 8.24 1.47
C GLY A 118 -11.49 8.54 0.66
N ASP A 119 -12.66 8.53 1.30
CA ASP A 119 -13.88 8.89 0.58
C ASP A 119 -13.90 10.33 0.03
N VAL A 120 -13.40 11.30 0.79
CA VAL A 120 -13.22 12.71 0.32
C VAL A 120 -12.20 12.76 -0.85
N ALA A 121 -11.07 12.09 -0.69
CA ALA A 121 -10.10 12.09 -1.77
C ALA A 121 -10.72 11.52 -3.08
N ALA A 122 -11.41 10.37 -2.98
CA ALA A 122 -12.10 9.78 -4.15
C ALA A 122 -13.09 10.72 -4.80
N GLN A 123 -13.75 11.55 -3.98
CA GLN A 123 -14.66 12.56 -4.57
C GLN A 123 -13.87 13.53 -5.43
N PHE A 124 -12.74 14.02 -4.90
CA PHE A 124 -11.91 14.91 -5.70
C PHE A 124 -11.34 14.20 -6.94
N VAL A 125 -10.92 12.93 -6.80
CA VAL A 125 -10.36 12.21 -7.96
C VAL A 125 -11.49 12.00 -9.01
N ALA A 126 -12.71 11.66 -8.56
CA ALA A 126 -13.80 11.42 -9.54
C ALA A 126 -14.14 12.74 -10.22
N ALA A 127 -13.87 13.91 -9.61
CA ALA A 127 -14.09 15.19 -10.31
C ALA A 127 -12.86 15.62 -11.13
N ASP A 128 -11.81 14.78 -11.17
CA ASP A 128 -10.57 15.11 -11.85
C ASP A 128 -9.76 16.31 -11.27
N LEU A 129 -9.78 16.48 -9.96
CA LEU A 129 -9.22 17.71 -9.34
C LEU A 129 -7.95 17.43 -8.50
N ILE A 130 -7.50 16.16 -8.38
CA ILE A 130 -6.31 15.84 -7.55
C ILE A 130 -5.13 15.88 -8.50
N ASP A 131 -4.12 16.72 -8.24
CA ASP A 131 -2.91 16.70 -9.10
C ASP A 131 -1.86 15.70 -8.63
N GLU A 132 -1.79 15.44 -7.35
CA GLU A 132 -0.72 14.56 -6.75
C GLU A 132 -1.30 13.82 -5.56
N ILE A 133 -0.82 12.59 -5.38
CA ILE A 133 -1.11 11.78 -4.22
CA ILE A 133 -1.10 11.84 -4.20
C ILE A 133 0.22 11.47 -3.54
N ILE A 134 0.31 11.65 -2.21
CA ILE A 134 1.55 11.39 -1.45
C ILE A 134 1.12 10.52 -0.29
N VAL A 135 1.65 9.30 -0.28
CA VAL A 135 1.30 8.34 0.76
C VAL A 135 2.53 8.00 1.55
N SER A 136 2.45 8.05 2.89
CA SER A 136 3.56 7.58 3.72
C SER A 136 3.13 6.24 4.38
N TYR A 137 3.68 5.15 3.92
CA TYR A 137 3.25 3.82 4.40
C TYR A 137 4.01 3.46 5.70
N ALA A 138 3.25 3.14 6.75
CA ALA A 138 3.82 2.71 8.03
C ALA A 138 4.17 1.24 7.89
N PRO A 139 5.10 0.74 8.72
CA PRO A 139 5.58 -0.64 8.53
C PRO A 139 4.68 -1.65 9.25
N CYS A 140 3.37 -1.64 8.93
CA CYS A 140 2.44 -2.56 9.50
C CYS A 140 1.28 -2.85 8.51
N THR A 141 0.61 -3.99 8.69
CA THR A 141 -0.62 -4.24 8.02
C THR A 141 -1.73 -4.12 9.04
N LEU A 142 -2.89 -3.75 8.48
CA LEU A 142 -4.13 -3.71 9.25
C LEU A 142 -5.21 -4.75 8.76
N GLY A 143 -5.18 -5.13 7.49
CA GLY A 143 -6.23 -6.08 7.00
C GLY A 143 -7.59 -5.46 6.67
N VAL A 144 -8.07 -4.53 7.49
CA VAL A 144 -9.42 -3.94 7.39
C VAL A 144 -9.30 -2.51 7.96
N GLY A 145 -10.24 -1.61 7.63
CA GLY A 145 -10.25 -0.25 8.13
C GLY A 145 -10.73 0.69 7.02
N SER A 146 -10.55 1.99 7.16
CA SER A 146 -10.95 2.89 6.09
CA SER A 146 -10.94 2.89 6.11
C SER A 146 -9.90 2.82 5.00
N ARG A 147 -10.36 2.71 3.77
CA ARG A 147 -9.46 2.50 2.62
C ARG A 147 -8.81 3.83 2.19
N VAL A 148 -7.51 3.77 1.83
CA VAL A 148 -6.77 4.98 1.49
C VAL A 148 -7.36 5.70 0.26
N LEU A 149 -7.88 4.95 -0.73
CA LEU A 149 -8.44 5.60 -1.93
C LEU A 149 -9.38 4.61 -2.59
N PRO A 150 -10.65 4.59 -2.10
CA PRO A 150 -11.49 3.44 -2.39
C PRO A 150 -12.13 3.53 -3.83
N MET A 151 -11.32 3.40 -4.88
CA MET A 151 -11.84 3.50 -6.26
C MET A 151 -10.79 2.99 -7.21
N ARG A 152 -11.14 2.93 -8.50
CA ARG A 152 -10.22 2.62 -9.58
C ARG A 152 -9.63 3.93 -10.10
N SER A 153 -8.31 4.05 -10.13
CA SER A 153 -7.66 5.27 -10.69
C SER A 153 -6.26 4.94 -11.15
N GLU A 154 -5.74 5.76 -12.06
CA GLU A 154 -4.42 5.54 -12.67
C GLU A 154 -3.53 6.77 -12.47
N TRP A 155 -2.24 6.57 -12.18
CA TRP A 155 -1.35 7.71 -11.90
C TRP A 155 0.00 7.45 -12.59
N VAL A 156 0.90 8.43 -12.47
CA VAL A 156 2.32 8.28 -12.92
C VAL A 156 3.20 8.39 -11.69
N LEU A 157 4.05 7.41 -11.46
CA LEU A 157 4.97 7.48 -10.34
C LEU A 157 6.03 8.64 -10.56
N ASP A 158 6.20 9.47 -9.53
CA ASP A 158 7.32 10.42 -9.45
C ASP A 158 8.46 9.66 -8.76
N ASP A 159 8.37 9.43 -7.45
CA ASP A 159 9.47 8.67 -6.75
C ASP A 159 9.02 8.27 -5.35
N CYS A 160 9.86 7.48 -4.68
CA CYS A 160 9.65 7.04 -3.30
CA CYS A 160 9.63 7.10 -3.31
C CYS A 160 10.92 7.37 -2.53
N ALA A 161 10.82 7.50 -1.22
CA ALA A 161 12.03 7.58 -0.38
C ALA A 161 11.63 7.11 1.00
N ARG A 162 12.55 6.46 1.69
CA ARG A 162 12.41 6.14 3.07
C ARG A 162 12.43 7.49 3.88
N ASN A 163 11.54 7.62 4.88
CA ASN A 163 11.61 8.72 5.86
C ASN A 163 11.35 8.07 7.24
N GLY A 164 12.40 7.86 8.04
CA GLY A 164 12.32 7.17 9.34
C GLY A 164 11.80 5.77 9.11
N ASP A 165 10.68 5.47 9.77
CA ASP A 165 10.00 4.15 9.64
C ASP A 165 9.09 4.02 8.39
N PHE A 166 8.93 5.11 7.64
CA PHE A 166 8.02 5.18 6.53
C PHE A 166 8.59 5.05 5.13
N VAL A 167 7.77 4.48 4.25
CA VAL A 167 8.05 4.51 2.82
C VAL A 167 7.15 5.64 2.31
N CYS A 168 7.74 6.68 1.74
CA CYS A 168 6.95 7.79 1.22
C CYS A 168 6.97 7.78 -0.30
N ALA A 169 5.80 7.85 -0.98
CA ALA A 169 5.82 7.83 -2.45
C ALA A 169 4.86 8.93 -2.95
N ARG A 170 5.23 9.53 -4.05
CA ARG A 170 4.36 10.55 -4.71
C ARG A 170 4.02 10.07 -6.10
N TRP A 171 2.71 10.11 -6.43
CA TRP A 171 2.26 9.86 -7.79
C TRP A 171 1.61 11.13 -8.33
N LYS A 172 1.63 11.25 -9.64
CA LYS A 172 1.06 12.45 -10.26
C LYS A 172 -0.07 12.08 -11.25
N ARG A 173 -1.00 13.01 -11.46
CA ARG A 173 -2.06 12.85 -12.46
C ARG A 173 -1.48 12.63 -13.87
N PRO A 174 -1.95 11.61 -14.65
CA PRO A 174 -1.45 11.39 -16.03
C PRO A 174 -1.79 12.63 -16.91
N VAL A 175 -0.94 13.00 -17.87
CA VAL A 175 -1.31 14.08 -18.81
C VAL A 175 -1.55 13.55 -20.22
N HIS B 2 23.60 -19.78 3.74
CA HIS B 2 23.40 -18.95 4.97
C HIS B 2 22.17 -19.51 5.67
N MET B 3 21.53 -18.70 6.52
CA MET B 3 20.24 -19.07 7.08
C MET B 3 19.14 -18.99 6.01
N VAL B 4 18.40 -20.08 5.84
CA VAL B 4 17.32 -20.10 4.86
C VAL B 4 16.23 -19.09 5.30
N LYS B 5 15.97 -18.05 4.50
CA LYS B 5 14.88 -17.10 4.75
C LYS B 5 13.59 -17.46 4.02
N THR B 6 12.45 -17.07 4.59
CA THR B 6 11.17 -17.29 3.89
C THR B 6 10.64 -15.87 3.51
N VAL B 7 10.37 -15.64 2.21
CA VAL B 7 10.12 -14.27 1.72
C VAL B 7 8.78 -14.25 1.00
N TYR B 8 7.90 -13.32 1.34
CA TYR B 8 6.68 -13.07 0.57
C TYR B 8 6.92 -11.89 -0.40
N TYR B 9 6.95 -12.21 -1.69
CA TYR B 9 7.35 -11.24 -2.71
C TYR B 9 6.19 -11.18 -3.70
N THR B 10 5.57 -10.00 -3.84
CA THR B 10 4.38 -9.93 -4.68
C THR B 10 4.23 -8.49 -5.23
N ALA B 11 3.46 -8.37 -6.31
CA ALA B 11 3.04 -7.05 -6.76
C ALA B 11 1.74 -6.73 -6.01
N SER B 12 1.36 -5.42 -5.96
CA SER B 12 0.08 -5.02 -5.40
C SER B 12 -0.34 -3.68 -6.09
N SER B 13 -1.61 -3.35 -6.12
CA SER B 13 -1.98 -1.96 -6.39
C SER B 13 -1.45 -1.06 -5.23
N LEU B 14 -1.36 0.27 -5.43
CA LEU B 14 -0.81 1.13 -4.36
C LEU B 14 -1.69 1.12 -3.13
N ASP B 15 -2.96 0.78 -3.31
CA ASP B 15 -3.92 0.71 -2.19
C ASP B 15 -4.15 -0.74 -1.67
N GLY B 16 -3.32 -1.73 -2.05
CA GLY B 16 -3.27 -3.00 -1.28
C GLY B 16 -4.07 -4.20 -1.78
N TYR B 17 -4.37 -4.21 -3.09
CA TYR B 17 -5.07 -5.33 -3.74
C TYR B 17 -4.18 -5.97 -4.82
N ILE B 18 -4.28 -7.30 -4.94
CA ILE B 18 -3.51 -8.03 -5.94
C ILE B 18 -4.46 -8.48 -7.08
N VAL B 19 -5.40 -9.37 -6.79
CA VAL B 19 -6.23 -9.88 -7.85
C VAL B 19 -7.43 -8.92 -7.85
N ASP B 20 -7.87 -8.52 -9.03
CA ASP B 20 -8.91 -7.53 -9.09
C ASP B 20 -10.31 -8.21 -9.01
N GLU B 21 -11.36 -7.41 -8.97
CA GLU B 21 -12.67 -7.98 -8.69
C GLU B 21 -13.18 -8.89 -9.82
N ASN B 22 -12.51 -8.92 -10.97
CA ASN B 22 -12.93 -9.79 -12.07
C ASN B 22 -11.99 -10.96 -12.16
N GLN B 23 -11.26 -11.18 -11.06
CA GLN B 23 -10.38 -12.31 -10.94
C GLN B 23 -9.21 -12.23 -11.97
N SER B 24 -8.87 -11.02 -12.43
CA SER B 24 -7.69 -10.86 -13.30
C SER B 24 -6.51 -9.96 -12.75
N LEU B 25 -5.35 -10.16 -13.39
CA LEU B 25 -4.12 -9.36 -13.29
C LEU B 25 -3.84 -8.41 -14.50
N ASP B 26 -4.89 -7.76 -15.00
CA ASP B 26 -4.86 -6.91 -16.17
C ASP B 26 -4.11 -5.67 -15.97
N TRP B 27 -4.54 -4.94 -14.96
CA TRP B 27 -3.95 -3.70 -14.55
C TRP B 27 -2.43 -3.80 -14.25
N LEU B 28 -1.88 -5.01 -14.33
CA LEU B 28 -0.47 -5.24 -13.97
C LEU B 28 0.44 -5.40 -15.18
N THR B 29 -0.11 -5.91 -16.28
CA THR B 29 0.76 -6.57 -17.28
C THR B 29 1.47 -5.65 -18.31
N SER B 30 0.91 -4.47 -18.55
CA SER B 30 1.51 -3.49 -19.45
C SER B 30 2.32 -2.43 -18.69
N ARG B 31 2.88 -2.77 -17.54
CA ARG B 31 3.58 -1.75 -16.71
C ARG B 31 5.12 -1.87 -16.94
N ASP B 32 5.83 -0.75 -16.88
CA ASP B 32 7.27 -0.78 -17.13
C ASP B 32 7.90 -1.33 -15.84
N ILE B 33 8.75 -2.34 -15.97
CA ILE B 33 9.50 -2.84 -14.83
C ILE B 33 10.94 -3.18 -15.33
N THR B 34 11.92 -3.22 -14.43
CA THR B 34 13.31 -3.52 -14.81
C THR B 34 13.76 -4.75 -13.98
N PRO B 35 13.66 -5.96 -14.57
CA PRO B 35 13.98 -7.27 -13.94
C PRO B 35 15.32 -7.33 -13.18
N ASP B 36 16.33 -6.64 -13.67
CA ASP B 36 17.63 -6.68 -13.01
C ASP B 36 17.88 -5.41 -12.20
N GLY B 37 16.84 -4.60 -12.04
CA GLY B 37 16.93 -3.44 -11.12
C GLY B 37 16.73 -3.77 -9.63
N PRO B 38 16.59 -2.72 -8.80
CA PRO B 38 16.41 -2.91 -7.35
C PRO B 38 15.14 -3.73 -7.07
N PHE B 39 15.24 -4.80 -6.29
CA PHE B 39 14.09 -5.67 -5.99
C PHE B 39 13.50 -6.29 -7.29
N GLY B 40 14.19 -6.19 -8.44
CA GLY B 40 13.65 -6.78 -9.66
C GLY B 40 13.70 -8.32 -9.66
N TYR B 41 12.84 -8.91 -10.49
CA TYR B 41 12.60 -10.36 -10.45
C TYR B 41 13.85 -11.20 -10.64
N GLU B 42 14.71 -10.79 -11.59
CA GLU B 42 15.92 -11.54 -11.88
CA GLU B 42 15.97 -11.48 -11.92
C GLU B 42 16.90 -11.57 -10.71
N GLN B 43 17.09 -10.47 -9.98
CA GLN B 43 17.92 -10.41 -8.76
CA GLN B 43 17.98 -10.54 -8.85
C GLN B 43 17.33 -11.35 -7.70
N PHE B 44 16.02 -11.22 -7.53
CA PHE B 44 15.30 -11.97 -6.55
C PHE B 44 15.37 -13.52 -6.78
N ILE B 45 15.02 -13.97 -7.99
CA ILE B 45 14.76 -15.37 -8.24
C ILE B 45 16.06 -16.18 -8.02
N GLU B 46 17.22 -15.55 -8.18
CA GLU B 46 18.47 -16.30 -8.12
C GLU B 46 18.78 -16.61 -6.64
N THR B 47 18.12 -15.92 -5.69
CA THR B 47 18.29 -16.25 -4.25
C THR B 47 17.32 -17.39 -3.78
N ILE B 48 16.44 -17.82 -4.65
CA ILE B 48 15.36 -18.76 -4.28
C ILE B 48 15.63 -20.22 -4.61
N GLY B 49 15.42 -21.11 -3.64
CA GLY B 49 15.58 -22.55 -3.88
C GLY B 49 14.29 -23.35 -3.89
N VAL B 50 13.20 -22.79 -3.34
CA VAL B 50 11.91 -23.45 -3.31
C VAL B 50 10.74 -22.44 -3.36
N LEU B 51 9.63 -22.83 -3.99
CA LEU B 51 8.43 -21.99 -4.10
C LEU B 51 7.27 -22.67 -3.38
N VAL B 52 6.36 -21.85 -2.85
CA VAL B 52 5.13 -22.35 -2.34
C VAL B 52 4.00 -21.34 -2.64
N MET B 53 2.85 -21.87 -3.01
CA MET B 53 1.72 -21.05 -3.49
C MET B 53 0.38 -21.73 -3.22
N GLY B 54 -0.71 -20.93 -3.24
CA GLY B 54 -2.06 -21.47 -3.07
C GLY B 54 -2.57 -22.09 -4.36
N ALA B 55 -3.69 -22.79 -4.28
CA ALA B 55 -4.33 -23.43 -5.45
C ALA B 55 -4.69 -22.49 -6.62
N SER B 56 -5.32 -21.35 -6.31
CA SER B 56 -5.71 -20.39 -7.35
C SER B 56 -4.53 -19.78 -8.11
N THR B 57 -3.45 -19.48 -7.39
CA THR B 57 -2.23 -18.99 -8.01
C THR B 57 -1.67 -20.08 -8.93
N TYR B 58 -1.65 -21.33 -8.44
CA TYR B 58 -1.13 -22.44 -9.26
C TYR B 58 -2.00 -22.59 -10.51
N GLU B 59 -3.32 -22.53 -10.38
CA GLU B 59 -4.21 -22.57 -11.56
C GLU B 59 -3.96 -21.47 -12.59
N TRP B 60 -3.85 -20.19 -12.19
CA TRP B 60 -3.50 -19.10 -13.11
C TRP B 60 -2.15 -19.31 -13.82
N VAL B 61 -1.17 -19.86 -13.09
CA VAL B 61 0.14 -20.08 -13.67
C VAL B 61 0.09 -21.16 -14.74
N VAL B 62 -0.72 -22.20 -14.51
CA VAL B 62 -0.85 -23.30 -15.47
C VAL B 62 -1.70 -22.85 -16.64
N GLU B 63 -2.78 -22.12 -16.36
CA GLU B 63 -3.70 -21.63 -17.40
C GLU B 63 -3.14 -20.50 -18.24
N HIS B 64 -2.26 -19.70 -17.67
CA HIS B 64 -1.63 -18.67 -18.46
C HIS B 64 -0.29 -19.19 -18.93
N GLY B 65 0.12 -20.32 -18.34
CA GLY B 65 1.33 -21.08 -18.75
C GLY B 65 2.48 -20.20 -19.15
N ASP B 66 2.49 -18.97 -18.62
CA ASP B 66 3.29 -17.89 -19.17
C ASP B 66 4.51 -17.55 -18.35
N TRP B 67 4.86 -18.44 -17.43
CA TRP B 67 5.95 -18.17 -16.54
C TRP B 67 6.69 -19.46 -16.17
N SER B 68 8.02 -19.36 -16.21
CA SER B 68 8.95 -20.48 -16.01
C SER B 68 9.69 -20.41 -14.65
N TYR B 69 10.14 -21.58 -14.17
CA TYR B 69 10.85 -21.74 -12.88
C TYR B 69 11.39 -23.18 -12.72
N ASP B 70 12.58 -23.33 -12.16
CA ASP B 70 13.12 -24.69 -11.99
C ASP B 70 13.31 -25.12 -10.55
N GLN B 71 13.03 -24.22 -9.60
CA GLN B 71 12.93 -24.66 -8.22
C GLN B 71 11.78 -25.67 -8.07
N PRO B 72 11.91 -26.59 -7.11
CA PRO B 72 10.74 -27.36 -6.77
C PRO B 72 9.63 -26.46 -6.09
N ALA B 73 8.37 -26.84 -6.27
CA ALA B 73 7.20 -25.98 -5.93
C ALA B 73 6.28 -26.80 -5.10
N TRP B 74 5.70 -26.20 -4.06
CA TRP B 74 4.70 -26.87 -3.24
C TRP B 74 3.43 -26.12 -3.43
N VAL B 75 2.35 -26.84 -3.61
CA VAL B 75 1.06 -26.14 -3.75
C VAL B 75 0.12 -26.51 -2.61
N LEU B 76 -0.44 -25.49 -1.96
CA LEU B 76 -1.38 -25.65 -0.86
C LEU B 76 -2.74 -25.86 -1.47
N THR B 77 -3.16 -27.12 -1.56
CA THR B 77 -4.46 -27.36 -2.12
C THR B 77 -5.09 -28.62 -1.46
N HIS B 78 -6.43 -28.64 -1.44
CA HIS B 78 -7.21 -29.82 -1.05
C HIS B 78 -7.70 -30.61 -2.28
N ARG B 79 -7.36 -30.13 -3.48
CA ARG B 79 -7.74 -30.75 -4.75
C ARG B 79 -6.49 -31.14 -5.50
N PRO B 80 -5.80 -32.22 -5.03
CA PRO B 80 -4.51 -32.55 -5.63
C PRO B 80 -4.64 -32.85 -7.12
N GLU B 81 -5.88 -33.08 -7.56
CA GLU B 81 -6.30 -33.14 -8.98
C GLU B 81 -5.85 -31.98 -9.88
N ILE B 82 -5.67 -30.77 -9.33
CA ILE B 82 -5.26 -29.61 -10.14
C ILE B 82 -3.81 -29.63 -10.71
N ALA B 83 -2.98 -30.55 -10.25
CA ALA B 83 -1.60 -30.69 -10.74
C ALA B 83 -1.50 -30.81 -12.27
N ALA B 84 -0.58 -30.08 -12.89
CA ALA B 84 -0.32 -30.24 -14.34
C ALA B 84 1.10 -30.71 -14.55
N GLU B 85 1.21 -31.75 -15.38
CA GLU B 85 2.47 -32.32 -15.78
C GLU B 85 3.41 -31.24 -16.23
N SER B 86 2.87 -30.22 -16.91
CA SER B 86 3.64 -29.07 -17.42
C SER B 86 4.31 -28.20 -16.34
N HIS B 87 3.82 -28.29 -15.08
CA HIS B 87 4.32 -27.50 -13.94
C HIS B 87 4.41 -28.37 -12.67
N PRO B 88 5.51 -29.14 -12.53
CA PRO B 88 5.56 -30.11 -11.46
C PRO B 88 5.57 -29.46 -10.07
N MET B 89 5.01 -30.19 -9.10
CA MET B 89 4.77 -29.68 -7.75
C MET B 89 4.36 -30.77 -6.77
N GLN B 90 4.59 -30.53 -5.49
CA GLN B 90 4.18 -31.35 -4.37
C GLN B 90 2.93 -30.73 -3.72
N VAL B 91 1.87 -31.49 -3.58
CA VAL B 91 0.67 -31.01 -2.94
C VAL B 91 0.90 -31.09 -1.44
N PHE B 92 0.43 -30.11 -0.68
CA PHE B 92 0.33 -30.21 0.78
C PHE B 92 -1.01 -29.61 1.21
N SER B 93 -1.63 -30.16 2.25
CA SER B 93 -2.77 -29.44 2.89
C SER B 93 -2.65 -29.41 4.41
N GLY B 94 -3.11 -28.33 5.02
CA GLY B 94 -3.09 -28.23 6.47
C GLY B 94 -2.31 -27.06 7.06
N ASP B 95 -1.69 -27.30 8.21
CA ASP B 95 -1.00 -26.24 8.94
C ASP B 95 0.37 -25.98 8.31
N VAL B 96 0.60 -24.75 7.79
CA VAL B 96 1.83 -24.49 7.07
C VAL B 96 3.03 -24.60 7.98
N ALA B 97 2.82 -24.44 9.30
CA ALA B 97 3.91 -24.62 10.29
C ALA B 97 4.50 -26.04 10.27
N GLU B 98 3.67 -26.99 9.80
CA GLU B 98 3.99 -28.41 9.61
C GLU B 98 4.79 -28.58 8.31
N LEU B 99 4.53 -27.75 7.31
CA LEU B 99 5.17 -27.94 6.00
C LEU B 99 6.53 -27.23 6.02
N HIS B 100 6.63 -26.20 6.85
CA HIS B 100 7.74 -25.30 6.74
C HIS B 100 9.13 -25.97 6.99
N PRO B 101 9.23 -27.00 7.88
CA PRO B 101 10.55 -27.68 8.00
C PRO B 101 11.04 -28.33 6.69
N GLU B 102 10.10 -28.93 5.98
CA GLU B 102 10.34 -29.58 4.70
CA GLU B 102 10.35 -29.58 4.69
C GLU B 102 10.75 -28.56 3.62
N LEU B 103 10.11 -27.36 3.62
CA LEU B 103 10.48 -26.36 2.64
C LEU B 103 11.91 -25.92 2.85
N VAL B 104 12.24 -25.64 4.12
CA VAL B 104 13.57 -25.22 4.52
C VAL B 104 14.61 -26.31 4.20
N ALA B 105 14.31 -27.58 4.47
CA ALA B 105 15.29 -28.65 4.14
C ALA B 105 15.49 -28.85 2.61
N ALA B 106 14.46 -28.61 1.80
CA ALA B 106 14.56 -28.69 0.34
C ALA B 106 15.13 -27.43 -0.31
N ALA B 107 15.41 -26.38 0.48
CA ALA B 107 15.77 -25.11 -0.11
C ALA B 107 17.25 -25.06 -0.56
N GLY B 108 18.01 -26.09 -0.18
CA GLY B 108 19.43 -26.18 -0.49
C GLY B 108 20.16 -24.94 -0.05
N GLY B 109 19.86 -24.43 1.14
CA GLY B 109 20.62 -23.31 1.66
C GLY B 109 20.31 -21.95 1.01
N LYS B 110 19.47 -21.97 -0.05
CA LYS B 110 18.81 -20.74 -0.61
C LYS B 110 17.45 -20.51 0.10
N ASP B 111 16.64 -19.57 -0.39
CA ASP B 111 15.42 -19.13 0.33
C ASP B 111 14.12 -19.69 -0.22
N VAL B 112 13.03 -19.50 0.55
CA VAL B 112 11.75 -20.05 0.24
C VAL B 112 10.94 -18.81 -0.15
N TRP B 113 10.30 -18.92 -1.32
CA TRP B 113 9.47 -17.85 -1.90
C TRP B 113 8.03 -18.26 -1.76
N VAL B 114 7.32 -17.54 -0.90
CA VAL B 114 5.88 -17.56 -0.81
C VAL B 114 5.32 -16.63 -1.89
N VAL B 115 4.73 -17.24 -2.91
CA VAL B 115 4.28 -16.54 -4.12
C VAL B 115 2.98 -15.75 -3.91
N GLY B 116 2.05 -16.32 -3.12
CA GLY B 116 0.66 -15.80 -3.00
C GLY B 116 -0.27 -16.99 -2.77
N GLY B 117 -1.58 -16.74 -2.55
CA GLY B 117 -2.13 -15.39 -2.50
C GLY B 117 -1.90 -14.76 -1.11
N GLY B 118 -2.58 -13.62 -0.85
CA GLY B 118 -2.59 -12.94 0.46
C GLY B 118 -2.96 -13.85 1.64
N ASP B 119 -3.98 -14.70 1.49
CA ASP B 119 -4.34 -15.56 2.61
CA ASP B 119 -4.42 -15.70 2.48
C ASP B 119 -3.32 -16.68 2.91
N VAL B 120 -2.51 -17.10 1.93
CA VAL B 120 -1.44 -18.08 2.14
C VAL B 120 -0.33 -17.31 2.88
N ALA B 121 -0.06 -16.09 2.44
CA ALA B 121 0.99 -15.30 3.09
C ALA B 121 0.59 -15.07 4.58
N ALA B 122 -0.67 -14.74 4.83
CA ALA B 122 -1.20 -14.49 6.19
C ALA B 122 -1.03 -15.73 7.15
N GLN B 123 -1.25 -16.93 6.60
CA GLN B 123 -1.08 -18.18 7.38
C GLN B 123 0.40 -18.34 7.80
N PHE B 124 1.33 -18.06 6.89
CA PHE B 124 2.73 -18.02 7.27
C PHE B 124 3.07 -16.95 8.31
N VAL B 125 2.57 -15.72 8.09
CA VAL B 125 2.79 -14.63 9.04
C VAL B 125 2.26 -14.98 10.43
N ALA B 126 1.08 -15.57 10.47
CA ALA B 126 0.39 -15.97 11.72
C ALA B 126 1.18 -17.05 12.48
N ALA B 127 1.89 -17.90 11.75
CA ALA B 127 2.78 -18.88 12.37
C ALA B 127 4.22 -18.33 12.55
N ASP B 128 4.36 -17.02 12.37
CA ASP B 128 5.65 -16.32 12.53
C ASP B 128 6.81 -16.85 11.62
N LEU B 129 6.49 -17.27 10.40
CA LEU B 129 7.40 -17.92 9.51
C LEU B 129 7.96 -17.01 8.38
N ILE B 130 7.46 -15.80 8.24
CA ILE B 130 7.96 -14.92 7.15
C ILE B 130 9.04 -14.01 7.72
N ASP B 131 10.23 -14.05 7.12
CA ASP B 131 11.36 -13.18 7.46
C ASP B 131 11.32 -11.82 6.77
N GLU B 132 10.77 -11.80 5.54
CA GLU B 132 10.73 -10.55 4.72
C GLU B 132 9.48 -10.47 3.88
N ILE B 133 8.93 -9.26 3.72
CA ILE B 133 7.86 -9.00 2.74
C ILE B 133 8.46 -8.03 1.74
N ILE B 134 8.27 -8.27 0.43
CA ILE B 134 8.77 -7.33 -0.57
C ILE B 134 7.53 -7.09 -1.47
N VAL B 135 7.02 -5.87 -1.47
CA VAL B 135 5.86 -5.53 -2.31
C VAL B 135 6.30 -4.54 -3.41
N SER B 136 5.95 -4.83 -4.68
CA SER B 136 6.06 -3.87 -5.79
C SER B 136 4.69 -3.25 -6.02
N TYR B 137 4.56 -2.00 -5.68
CA TYR B 137 3.29 -1.24 -5.83
C TYR B 137 3.18 -0.62 -7.22
N ALA B 138 2.14 -1.07 -7.97
CA ALA B 138 1.76 -0.49 -9.24
C ALA B 138 1.11 0.95 -9.11
N PRO B 139 1.26 1.84 -10.16
CA PRO B 139 0.80 3.26 -9.98
C PRO B 139 -0.70 3.40 -10.20
N CYS B 140 -1.50 2.57 -9.50
CA CYS B 140 -2.94 2.53 -9.69
C CYS B 140 -3.65 2.12 -8.40
N THR B 141 -4.88 2.57 -8.24
CA THR B 141 -5.68 2.00 -7.13
C THR B 141 -6.79 1.08 -7.71
N LEU B 142 -7.16 0.08 -6.88
CA LEU B 142 -8.27 -0.81 -7.29
C LEU B 142 -9.50 -0.65 -6.40
N GLY B 143 -9.34 -0.26 -5.15
CA GLY B 143 -10.52 -0.10 -4.27
C GLY B 143 -11.00 -1.42 -3.63
N VAL B 144 -10.99 -2.53 -4.39
CA VAL B 144 -11.49 -3.81 -3.97
C VAL B 144 -10.66 -4.92 -4.66
N GLY B 145 -10.71 -6.14 -4.14
CA GLY B 145 -10.03 -7.26 -4.80
C GLY B 145 -9.40 -8.10 -3.70
N SER B 146 -8.53 -9.04 -4.02
CA SER B 146 -7.90 -9.81 -2.97
C SER B 146 -6.79 -8.99 -2.23
N ARG B 147 -6.84 -9.04 -0.91
CA ARG B 147 -6.01 -8.22 -0.08
C ARG B 147 -4.57 -8.73 -0.02
N VAL B 148 -3.64 -7.78 -0.03
CA VAL B 148 -2.22 -8.14 -0.13
C VAL B 148 -1.77 -8.93 1.10
N LEU B 149 -2.27 -8.58 2.26
CA LEU B 149 -1.85 -9.32 3.45
C LEU B 149 -2.92 -9.17 4.52
N PRO B 150 -3.94 -10.04 4.47
CA PRO B 150 -5.15 -9.63 5.20
C PRO B 150 -5.16 -9.94 6.72
N MET B 151 -4.41 -9.20 7.52
CA MET B 151 -4.33 -9.47 8.92
C MET B 151 -3.57 -8.31 9.49
N ARG B 152 -3.54 -8.26 10.82
CA ARG B 152 -2.77 -7.25 11.56
C ARG B 152 -1.33 -7.79 11.73
N SER B 153 -0.33 -7.02 11.32
CA SER B 153 1.08 -7.48 11.55
C SER B 153 2.00 -6.27 11.58
N GLU B 154 3.14 -6.46 12.22
CA GLU B 154 4.17 -5.40 12.45
C GLU B 154 5.52 -5.82 11.85
N TRP B 155 6.22 -4.85 11.30
CA TRP B 155 7.47 -5.09 10.59
C TRP B 155 8.48 -3.97 10.87
N VAL B 156 9.70 -4.15 10.37
CA VAL B 156 10.74 -3.13 10.40
C VAL B 156 11.04 -2.81 8.93
N LEU B 157 11.02 -1.56 8.53
CA LEU B 157 11.32 -1.22 7.15
C LEU B 157 12.82 -1.37 6.86
N ASP B 158 13.12 -2.09 5.80
CA ASP B 158 14.48 -2.15 5.26
C ASP B 158 14.70 -0.95 4.38
N ASP B 159 14.10 -0.94 3.18
CA ASP B 159 14.22 0.22 2.28
C ASP B 159 13.21 0.16 1.15
N CYS B 160 13.13 1.23 0.34
CA CYS B 160 12.29 1.23 -0.88
CA CYS B 160 12.30 1.22 -0.85
C CYS B 160 13.14 1.72 -2.01
N ALA B 161 12.70 1.45 -3.23
CA ALA B 161 13.32 2.05 -4.43
C ALA B 161 12.31 1.96 -5.51
N ARG B 162 12.35 2.94 -6.42
CA ARG B 162 11.57 2.91 -7.61
C ARG B 162 12.17 1.86 -8.55
N ASN B 163 11.32 1.08 -9.21
CA ASN B 163 11.80 0.20 -10.28
C ASN B 163 10.76 0.35 -11.41
N GLY B 164 11.18 1.06 -12.49
CA GLY B 164 10.25 1.43 -13.57
C GLY B 164 9.01 2.14 -13.04
N ASP B 165 7.81 1.60 -13.32
CA ASP B 165 6.54 2.25 -12.85
C ASP B 165 6.22 1.98 -11.38
N PHE B 166 6.99 1.11 -10.72
CA PHE B 166 6.63 0.54 -9.44
C PHE B 166 7.39 1.15 -8.26
N VAL B 167 6.73 1.24 -7.13
CA VAL B 167 7.43 1.53 -5.89
C VAL B 167 7.75 0.17 -5.29
N CYS B 168 9.02 -0.21 -5.10
CA CYS B 168 9.31 -1.49 -4.39
C CYS B 168 9.90 -1.28 -3.01
N ALA B 169 9.45 -2.06 -2.02
CA ALA B 169 9.83 -1.82 -0.62
C ALA B 169 9.91 -3.17 0.07
N ARG B 170 10.84 -3.27 1.00
CA ARG B 170 11.11 -4.49 1.70
C ARG B 170 11.01 -4.21 3.19
N TRP B 171 10.24 -5.05 3.91
CA TRP B 171 10.16 -4.94 5.33
C TRP B 171 10.62 -6.29 5.92
N LYS B 172 11.09 -6.25 7.18
CA LYS B 172 11.63 -7.46 7.78
C LYS B 172 10.91 -7.78 9.11
N ARG B 173 10.86 -9.08 9.46
CA ARG B 173 10.29 -9.45 10.76
CA ARG B 173 10.30 -9.48 10.76
C ARG B 173 11.12 -8.81 11.88
N PRO B 174 10.46 -8.23 12.90
CA PRO B 174 11.21 -7.73 14.09
C PRO B 174 12.00 -8.88 14.75
N VAL B 175 13.18 -8.61 15.28
CA VAL B 175 14.02 -9.69 15.83
C VAL B 175 14.54 -9.44 17.26
#